data_4LG7
#
_entry.id   4LG7
#
_cell.length_a   49.367
_cell.length_b   78.209
_cell.length_c   40.557
_cell.angle_alpha   90.000
_cell.angle_beta   90.000
_cell.angle_gamma   90.000
#
_symmetry.space_group_name_H-M   'P 21 21 2'
#
loop_
_entity.id
_entity.type
_entity.pdbx_description
1 polymer 'Methyl-CpG-binding domain protein 4'
2 polymer "DNA (5'-D(*GP*CP*CP*AP*AP*(5CM)P*GP*TP*TP*GP*GP*C)-3')"
3 non-polymer 'UNKNOWN ATOM OR ION'
#
loop_
_entity_poly.entity_id
_entity_poly.type
_entity_poly.pdbx_seq_one_letter_code
_entity_poly.pdbx_strand_id
1 'polypeptide(L)' GRKSVPCGWERVVKQRLFGKTAGRFDVYFISPQGLKFRSKSSLANYLHKNGETSLKPEDFDFTVLSKR A
2 'polydeoxyribonucleotide' (DG)(DC)(DC)(DA)(DA)(5CM)(DG)(DT)(DT)(DG)(DG)(DC) B,C
#
loop_
_chem_comp.id
_chem_comp.type
_chem_comp.name
_chem_comp.formula
5CM DNA linking 5-METHYL-2'-DEOXY-CYTIDINE-5'-MONOPHOSPHATE 'C10 H16 N3 O7 P'
DA DNA linking 2'-DEOXYADENOSINE-5'-MONOPHOSPHATE 'C10 H14 N5 O6 P'
DC DNA linking 2'-DEOXYCYTIDINE-5'-MONOPHOSPHATE 'C9 H14 N3 O7 P'
DG DNA linking 2'-DEOXYGUANOSINE-5'-MONOPHOSPHATE 'C10 H14 N5 O7 P'
DT DNA linking THYMIDINE-5'-MONOPHOSPHATE 'C10 H15 N2 O8 P'
UNX non-polymer 'UNKNOWN ATOM OR ION' ?
#
# COMPACT_ATOMS: atom_id res chain seq x y z
N ARG A 2 -15.31 -5.64 -1.35
CA ARG A 2 -14.10 -5.01 -0.81
C ARG A 2 -13.01 -4.79 -1.86
N LYS A 3 -11.86 -4.21 -1.42
CA LYS A 3 -10.72 -3.89 -2.28
C LYS A 3 -9.86 -5.13 -2.61
N SER A 4 -9.17 -5.08 -3.75
CA SER A 4 -8.28 -6.12 -4.28
C SER A 4 -6.92 -5.51 -4.62
N VAL A 5 -5.86 -6.33 -4.62
CA VAL A 5 -4.52 -5.83 -4.89
C VAL A 5 -4.37 -5.44 -6.38
N PRO A 6 -4.05 -4.16 -6.68
CA PRO A 6 -3.91 -3.75 -8.08
C PRO A 6 -2.85 -4.55 -8.82
N CYS A 7 -3.10 -4.73 -10.10
CA CYS A 7 -2.30 -5.51 -11.04
C CYS A 7 -0.78 -5.32 -11.04
N GLY A 8 -0.06 -6.40 -10.73
CA GLY A 8 1.39 -6.41 -10.66
C GLY A 8 1.97 -5.94 -9.33
N TRP A 9 1.12 -5.40 -8.43
CA TRP A 9 1.52 -4.93 -7.10
C TRP A 9 1.38 -6.05 -6.09
N GLU A 10 2.07 -5.91 -4.96
CA GLU A 10 1.98 -6.82 -3.84
C GLU A 10 1.58 -6.01 -2.59
N ARG A 11 0.68 -6.55 -1.76
CA ARG A 11 0.25 -5.98 -0.50
C ARG A 11 0.84 -6.86 0.60
N VAL A 12 1.61 -6.26 1.52
CA VAL A 12 2.25 -7.01 2.60
C VAL A 12 1.67 -6.52 3.91
N VAL A 13 1.08 -7.40 4.70
CA VAL A 13 0.52 -7.07 6.00
C VAL A 13 1.37 -7.75 7.06
N LYS A 14 1.79 -6.98 8.07
CA LYS A 14 2.59 -7.48 9.18
C LYS A 14 2.03 -7.00 10.51
N GLN A 15 1.86 -7.93 11.43
CA GLN A 15 1.33 -7.65 12.77
C GLN A 15 2.49 -7.48 13.76
N ARG A 16 2.47 -6.39 14.53
CA ARG A 16 3.47 -6.10 15.58
C ARG A 16 3.30 -7.09 16.74
N LEU A 17 4.41 -7.53 17.33
CA LEU A 17 4.39 -8.55 18.37
C LEU A 17 4.77 -8.08 19.76
N PHE A 18 5.57 -7.02 19.85
CA PHE A 18 5.99 -6.49 21.15
C PHE A 18 5.74 -4.97 21.22
N GLY A 19 6.11 -4.37 22.35
CA GLY A 19 5.97 -2.94 22.61
C GLY A 19 4.55 -2.46 22.87
N LYS A 20 4.36 -1.12 22.96
CA LYS A 20 3.06 -0.50 23.20
C LYS A 20 2.06 -0.81 22.07
N THR A 21 2.52 -0.71 20.80
CA THR A 21 1.76 -0.94 19.58
C THR A 21 1.56 -2.44 19.21
N ALA A 22 1.95 -3.36 20.11
CA ALA A 22 1.77 -4.81 19.92
C ALA A 22 0.29 -5.11 19.64
N GLY A 23 0.02 -5.75 18.51
CA GLY A 23 -1.32 -6.09 18.05
C GLY A 23 -1.74 -5.32 16.80
N ARG A 24 -1.04 -4.18 16.53
CA ARG A 24 -1.26 -3.30 15.39
C ARG A 24 -0.77 -3.96 14.11
N PHE A 25 -1.39 -3.58 12.99
CA PHE A 25 -0.98 -4.07 11.69
C PHE A 25 -0.39 -2.94 10.87
N ASP A 26 0.63 -3.28 10.07
CA ASP A 26 1.24 -2.39 9.08
C ASP A 26 1.02 -3.00 7.75
N VAL A 27 0.55 -2.19 6.82
CA VAL A 27 0.30 -2.55 5.44
C VAL A 27 1.26 -1.72 4.61
N TYR A 28 1.99 -2.37 3.72
CA TYR A 28 2.87 -1.71 2.77
C TYR A 28 2.67 -2.34 1.41
N PHE A 29 2.93 -1.59 0.33
CA PHE A 29 2.77 -2.08 -1.05
C PHE A 29 4.06 -2.02 -1.84
N ILE A 30 4.37 -3.10 -2.58
CA ILE A 30 5.52 -3.17 -3.50
C ILE A 30 4.99 -3.08 -4.96
N SER A 31 5.43 -2.05 -5.69
CA SER A 31 5.07 -1.80 -7.08
C SER A 31 5.63 -2.90 -7.99
N PRO A 32 5.12 -3.11 -9.24
CA PRO A 32 5.73 -4.15 -10.11
C PRO A 32 7.21 -3.90 -10.41
N GLN A 33 7.69 -2.64 -10.20
CA GLN A 33 9.08 -2.21 -10.39
C GLN A 33 9.93 -2.37 -9.12
N GLY A 34 9.30 -2.79 -8.02
CA GLY A 34 9.93 -3.04 -6.73
C GLY A 34 9.95 -1.89 -5.73
N LEU A 35 9.26 -0.77 -6.03
CA LEU A 35 9.25 0.39 -5.12
C LEU A 35 8.37 0.15 -3.89
N LYS A 36 8.92 0.34 -2.67
CA LYS A 36 8.16 0.11 -1.42
C LYS A 36 7.44 1.36 -0.89
N PHE A 37 6.11 1.27 -0.72
CA PHE A 37 5.21 2.35 -0.23
C PHE A 37 4.52 1.99 1.08
N ARG A 38 4.57 2.93 2.05
CA ARG A 38 4.05 2.84 3.44
C ARG A 38 2.81 3.71 3.70
N SER A 39 2.48 4.62 2.78
CA SER A 39 1.34 5.52 2.92
C SER A 39 0.56 5.71 1.62
N LYS A 40 -0.77 5.92 1.75
CA LYS A 40 -1.65 6.16 0.60
C LYS A 40 -1.31 7.50 -0.06
N SER A 41 -0.82 8.48 0.73
CA SER A 41 -0.41 9.81 0.28
C SER A 41 0.75 9.68 -0.71
N SER A 42 1.90 9.10 -0.26
CA SER A 42 3.10 8.88 -1.08
C SER A 42 2.81 8.08 -2.33
N LEU A 43 1.86 7.13 -2.24
CA LEU A 43 1.43 6.28 -3.36
C LEU A 43 0.64 7.12 -4.38
N ALA A 44 -0.40 7.87 -3.91
CA ALA A 44 -1.24 8.75 -4.73
C ALA A 44 -0.38 9.79 -5.45
N ASN A 45 0.73 10.20 -4.77
CA ASN A 45 1.73 11.15 -5.24
C ASN A 45 2.47 10.56 -6.45
N TYR A 46 2.99 9.31 -6.29
CA TYR A 46 3.71 8.55 -7.33
C TYR A 46 2.83 8.32 -8.57
N LEU A 47 1.58 7.86 -8.36
CA LEU A 47 0.62 7.58 -9.44
C LEU A 47 0.38 8.81 -10.30
N HIS A 48 0.24 9.99 -9.66
CA HIS A 48 0.03 11.28 -10.31
C HIS A 48 1.20 11.65 -11.24
N LYS A 49 2.46 11.63 -10.72
CA LYS A 49 3.70 11.94 -11.46
C LYS A 49 3.96 11.03 -12.68
N ASN A 50 3.48 9.77 -12.63
CA ASN A 50 3.65 8.75 -13.68
C ASN A 50 2.52 8.68 -14.72
N GLY A 51 1.49 9.49 -14.51
CA GLY A 51 0.36 9.59 -15.43
C GLY A 51 -0.58 8.40 -15.43
N GLU A 52 -0.95 7.93 -14.22
CA GLU A 52 -1.88 6.81 -14.09
C GLU A 52 -3.31 7.25 -14.39
N THR A 53 -3.99 6.50 -15.28
CA THR A 53 -5.38 6.78 -15.69
C THR A 53 -6.33 5.68 -15.27
N SER A 54 -5.79 4.54 -14.78
CA SER A 54 -6.56 3.36 -14.39
C SER A 54 -6.57 3.08 -12.87
N LEU A 55 -5.37 2.99 -12.24
CA LEU A 55 -5.23 2.73 -10.82
C LEU A 55 -5.43 4.01 -10.05
N LYS A 56 -6.39 4.00 -9.12
CA LYS A 56 -6.74 5.14 -8.29
C LYS A 56 -6.24 4.88 -6.85
N PRO A 57 -5.92 5.92 -6.05
CA PRO A 57 -5.45 5.66 -4.67
C PRO A 57 -6.46 4.96 -3.73
N GLU A 58 -7.75 4.97 -4.10
CA GLU A 58 -8.82 4.29 -3.37
C GLU A 58 -8.75 2.74 -3.61
N ASP A 59 -7.99 2.30 -4.65
CA ASP A 59 -7.81 0.90 -5.02
C ASP A 59 -6.83 0.13 -4.13
N PHE A 60 -6.02 0.86 -3.35
CA PHE A 60 -4.99 0.35 -2.44
C PHE A 60 -5.47 0.44 -0.99
N ASP A 61 -5.87 -0.68 -0.40
CA ASP A 61 -6.37 -0.71 0.98
C ASP A 61 -5.24 -0.65 2.01
N PHE A 62 -5.21 0.42 2.81
CA PHE A 62 -4.23 0.56 3.88
C PHE A 62 -4.76 0.10 5.27
N THR A 63 -6.02 -0.44 5.31
CA THR A 63 -6.68 -0.95 6.52
C THR A 63 -6.60 -2.48 6.53
N VAL A 64 -6.41 -3.06 7.73
CA VAL A 64 -6.28 -4.50 7.96
C VAL A 64 -7.23 -4.95 9.05
N1 5CM B 6 5.28 7.86 9.36
C2 5CM B 6 5.40 7.39 10.70
N3 5CM B 6 5.02 6.13 11.02
C4 5CM B 6 4.52 5.29 10.10
C5 5CM B 6 4.35 5.77 8.69
C5A 5CM B 6 3.74 4.94 7.58
C6 5CM B 6 4.77 7.06 8.39
O2 5CM B 6 5.87 8.12 11.59
N4 5CM B 6 4.11 4.07 10.53
C1' 5CM B 6 5.71 9.22 9.08
C2' 5CM B 6 6.86 9.35 8.08
C3' 5CM B 6 6.79 10.85 7.89
C4' 5CM B 6 5.32 11.17 8.01
O4' 5CM B 6 4.69 9.97 8.52
O3' 5CM B 6 7.34 11.51 8.98
C5' 5CM B 6 4.64 11.69 6.77
O5' 5CM B 6 4.59 10.69 5.74
P 5CM B 6 3.37 10.82 4.73
OP1 5CM B 6 3.45 12.11 4.02
OP2 5CM B 6 3.37 9.54 3.98
N1 5CM C 6 8.08 -0.18 15.77
C2 5CM C 6 8.43 1.13 15.30
N3 5CM C 6 8.24 1.46 13.99
C4 5CM C 6 7.69 0.58 13.12
C5 5CM C 6 7.33 -0.80 13.58
C5A 5CM C 6 6.75 -1.84 12.66
C6 5CM C 6 7.55 -1.10 14.92
O2 5CM C 6 8.94 1.96 16.10
N4 5CM C 6 7.51 0.94 11.83
C1' 5CM C 6 8.23 -0.46 17.20
C2' 5CM C 6 6.83 -0.67 17.77
C3' 5CM C 6 7.12 -1.50 19.02
C4' 5CM C 6 8.36 -2.31 18.65
O4' 5CM C 6 9.03 -1.59 17.57
O3' 5CM C 6 7.48 -0.67 20.10
C5' 5CM C 6 8.11 -3.77 18.29
O5' 5CM C 6 7.39 -3.85 17.06
P 5CM C 6 7.29 -5.17 16.16
OP1 5CM C 6 6.77 -6.31 16.94
OP2 5CM C 6 6.63 -4.76 14.91
UNK UNX D . 6.07 0.26 9.02
UNK UNX E . 6.87 6.99 4.64
UNK UNX F . -8.29 -7.46 1.68
UNK UNX G . 9.27 7.86 16.52
UNK UNX H . 0.07 4.80 6.40
UNK UNX I . -7.72 8.11 15.90
UNK UNX J . 24.75 3.49 15.12
UNK UNX K . -2.43 14.98 20.43
UNK UNX L . 28.37 2.64 15.99
UNK UNX M . 27.17 7.92 4.00
UNK UNX N . 6.18 9.78 24.72
#